data_3N73
#
_entry.id   3N73
#
_cell.length_a   81.066
_cell.length_b   166.644
_cell.length_c   37.279
_cell.angle_alpha   90.00
_cell.angle_beta   90.00
_cell.angle_gamma   90.00
#
_symmetry.space_group_name_H-M   'P 21 21 2'
#
loop_
_entity.id
_entity.type
_entity.pdbx_description
1 polymer 'Putative 4-hydroxy-2-oxoglutarate aldolase'
2 non-polymer 'CHLORIDE ION'
3 water water
#
_entity_poly.entity_id   1
_entity_poly.type   'polypeptide(L)'
_entity_poly.pdbx_seq_one_letter_code
;(MSE)TNIQKRFYKGRVALNVLANNIENAKDIFEAAEGYVVVGVLSKDYPTVEEAVTA(MSE)KAYGKEIEDAVSIGLGA
GDNRQAAVVAEIAKHYPGSHINQVFPSVGATRANLGGKDSWINSLVSPTGKVGYVNISTGPISAAGEEKAIVPIKTAIAL
VRD(MSE)GGNSLKYFP(MSE)KGLAHEEEYRAVAKACAEEGFALEPTGGIDKENFETIVRIALEANVERVIPHVYSSII
DKETGNTKVEDVRELLAVVKKLVDQYA
;
_entity_poly.pdbx_strand_id   A,B
#
# COMPACT_ATOMS: atom_id res chain seq x y z
N THR A 2 -5.60 31.08 9.62
CA THR A 2 -6.48 29.86 9.60
C THR A 2 -6.10 28.91 8.46
N ASN A 3 -6.07 27.61 8.75
CA ASN A 3 -5.58 26.66 7.75
C ASN A 3 -6.41 26.62 6.50
N ILE A 4 -7.73 26.70 6.65
CA ILE A 4 -8.60 26.61 5.51
C ILE A 4 -8.49 27.79 4.54
N GLN A 5 -8.02 28.95 5.01
CA GLN A 5 -7.99 30.12 4.14
C GLN A 5 -7.17 29.89 2.87
N LYS A 6 -6.03 29.22 2.96
CA LYS A 6 -5.27 28.93 1.73
C LYS A 6 -5.96 27.98 0.72
N ARG A 7 -7.14 27.42 1.10
CA ARG A 7 -7.91 26.54 0.20
C ARG A 7 -8.87 27.28 -0.78
N PHE A 8 -9.10 28.57 -0.56
CA PHE A 8 -9.96 29.38 -1.42
C PHE A 8 -9.18 29.98 -2.56
N TYR A 9 -9.45 29.58 -3.80
CA TYR A 9 -8.88 30.30 -4.94
C TYR A 9 -9.20 31.79 -4.89
N LYS A 10 -8.14 32.58 -4.90
CA LYS A 10 -8.21 34.06 -4.76
C LYS A 10 -9.11 34.51 -3.60
N GLY A 11 -9.11 33.68 -2.56
CA GLY A 11 -9.87 33.95 -1.40
C GLY A 11 -11.36 33.78 -1.55
N ARG A 12 -11.83 33.17 -2.64
CA ARG A 12 -13.25 33.12 -2.92
C ARG A 12 -13.85 31.70 -2.92
N VAL A 13 -13.26 30.74 -3.64
CA VAL A 13 -13.91 29.41 -3.84
C VAL A 13 -12.95 28.26 -3.50
N ALA A 14 -13.35 27.43 -2.55
CA ALA A 14 -12.64 26.18 -2.22
C ALA A 14 -13.55 25.03 -2.64
N LEU A 15 -13.02 24.09 -3.40
CA LEU A 15 -13.74 22.84 -3.69
C LEU A 15 -13.84 21.92 -2.46
N ASN A 16 -14.94 21.19 -2.33
CA ASN A 16 -15.01 20.10 -1.41
C ASN A 16 -15.45 18.86 -2.19
N VAL A 17 -14.53 17.89 -2.35
CA VAL A 17 -14.81 16.61 -3.04
C VAL A 17 -14.36 15.46 -2.15
N LEU A 18 -14.87 14.25 -2.39
CA LEU A 18 -14.52 13.10 -1.56
C LEU A 18 -13.23 12.42 -2.05
N ALA A 19 -12.49 11.79 -1.15
CA ALA A 19 -11.40 10.91 -1.56
C ALA A 19 -11.73 9.48 -1.13
N ASN A 20 -11.40 8.55 -2.02
CA ASN A 20 -11.63 7.12 -1.86
C ASN A 20 -10.54 6.44 -1.03
N ASN A 21 -9.32 6.96 -1.17
CA ASN A 21 -8.16 6.43 -0.48
C ASN A 21 -7.09 7.51 -0.52
N ILE A 22 -5.94 7.25 0.09
CA ILE A 22 -4.94 8.30 0.32
C ILE A 22 -4.30 8.71 -0.99
N GLU A 23 -4.07 7.73 -1.88
CA GLU A 23 -3.60 8.05 -3.21
C GLU A 23 -4.56 8.96 -3.96
N ASN A 24 -5.87 8.71 -3.82
CA ASN A 24 -6.88 9.52 -4.52
C ASN A 24 -6.85 10.96 -3.95
N ALA A 25 -6.73 11.07 -2.62
CA ALA A 25 -6.62 12.36 -1.91
C ALA A 25 -5.43 13.14 -2.38
N LYS A 26 -4.28 12.49 -2.53
CA LYS A 26 -3.10 13.18 -3.04
C LYS A 26 -3.30 13.67 -4.48
N ASP A 27 -3.82 12.79 -5.34
CA ASP A 27 -4.08 13.14 -6.73
C ASP A 27 -5.09 14.28 -6.89
N ILE A 28 -6.14 14.26 -6.07
CA ILE A 28 -7.13 15.34 -6.04
C ILE A 28 -6.49 16.66 -5.60
N PHE A 29 -5.73 16.61 -4.50
CA PHE A 29 -5.06 17.80 -3.95
C PHE A 29 -4.12 18.42 -5.00
N GLU A 30 -3.37 17.58 -5.73
CA GLU A 30 -2.54 18.07 -6.84
C GLU A 30 -3.41 18.66 -7.97
N ALA A 31 -4.48 17.97 -8.37
CA ALA A 31 -5.32 18.48 -9.49
C ALA A 31 -5.99 19.83 -9.16
N ALA A 32 -6.33 20.03 -7.89
CA ALA A 32 -7.03 21.25 -7.47
C ALA A 32 -6.05 22.36 -7.10
N GLU A 33 -4.76 22.12 -7.29
CA GLU A 33 -3.71 23.05 -6.93
C GLU A 33 -3.84 23.50 -5.48
N GLY A 34 -4.29 22.57 -4.64
CA GLY A 34 -4.38 22.83 -3.22
C GLY A 34 -5.66 23.54 -2.82
N TYR A 35 -6.51 23.92 -3.79
CA TYR A 35 -7.72 24.71 -3.53
C TYR A 35 -8.91 23.79 -3.33
N VAL A 36 -8.79 22.95 -2.30
CA VAL A 36 -9.71 21.88 -2.04
C VAL A 36 -9.53 21.40 -0.59
N VAL A 37 -10.64 21.01 0.01
CA VAL A 37 -10.60 20.17 1.19
C VAL A 37 -11.26 18.87 0.73
N VAL A 38 -10.75 17.74 1.23
CA VAL A 38 -10.99 16.42 0.71
C VAL A 38 -11.73 15.63 1.80
N GLY A 39 -12.93 15.15 1.47
CA GLY A 39 -13.84 14.51 2.41
C GLY A 39 -13.47 13.07 2.69
N VAL A 40 -13.38 12.75 3.99
CA VAL A 40 -13.20 11.41 4.50
C VAL A 40 -14.42 11.21 5.41
N LEU A 41 -15.16 10.13 5.19
CA LEU A 41 -16.49 10.00 5.84
C LEU A 41 -16.40 9.21 7.13
N SER A 42 -16.97 9.74 8.20
CA SER A 42 -16.97 9.05 9.46
C SER A 42 -17.68 7.70 9.31
N LYS A 43 -18.74 7.68 8.49
CA LYS A 43 -19.59 6.50 8.31
C LYS A 43 -18.80 5.31 7.80
N ASP A 44 -17.68 5.58 7.14
CA ASP A 44 -16.87 4.53 6.55
C ASP A 44 -16.03 3.72 7.55
N TYR A 45 -16.10 4.05 8.84
CA TYR A 45 -15.28 3.45 9.89
C TYR A 45 -16.20 2.99 11.04
N PRO A 46 -15.96 1.79 11.60
CA PRO A 46 -16.83 1.32 12.70
C PRO A 46 -16.72 2.14 14.01
N THR A 47 -15.59 2.79 14.26
CA THR A 47 -15.36 3.49 15.54
C THR A 47 -14.70 4.86 15.33
N VAL A 48 -14.79 5.69 16.38
CA VAL A 48 -14.13 6.98 16.39
C VAL A 48 -12.61 6.79 16.23
N GLU A 49 -12.04 5.82 16.95
CA GLU A 49 -10.57 5.61 16.88
C GLU A 49 -10.11 5.29 15.43
N GLU A 50 -10.80 4.37 14.75
CA GLU A 50 -10.43 4.01 13.37
C GLU A 50 -10.55 5.20 12.44
N ALA A 51 -11.60 6.01 12.61
CA ALA A 51 -11.79 7.21 11.81
C ALA A 51 -10.66 8.21 11.98
N VAL A 52 -10.34 8.50 13.24
CA VAL A 52 -9.25 9.40 13.57
C VAL A 52 -7.93 8.92 12.93
N THR A 53 -7.58 7.64 13.14
CA THR A 53 -6.34 7.10 12.55
C THR A 53 -6.34 7.34 11.05
N ALA A 54 -7.44 7.04 10.38
CA ALA A 54 -7.50 7.18 8.92
C ALA A 54 -7.34 8.64 8.52
N LYS A 56 -6.04 11.22 10.03
CA LYS A 56 -4.66 11.70 10.20
C LYS A 56 -3.74 11.20 9.10
N ALA A 57 -3.94 9.95 8.66
CA ALA A 57 -3.12 9.38 7.60
C ALA A 57 -3.43 10.04 6.24
N TYR A 58 -4.69 10.35 5.99
CA TYR A 58 -5.02 11.14 4.78
C TYR A 58 -4.40 12.51 4.94
N GLY A 59 -4.61 13.14 6.09
CA GLY A 59 -4.11 14.50 6.35
C GLY A 59 -2.60 14.71 6.19
N LYS A 60 -1.82 13.73 6.63
CA LYS A 60 -0.35 13.78 6.57
C LYS A 60 0.12 14.16 5.16
N GLU A 61 -0.56 13.64 4.16
CA GLU A 61 -0.15 13.80 2.79
C GLU A 61 -0.59 15.07 2.10
N ILE A 62 -1.63 15.71 2.62
CA ILE A 62 -2.24 16.83 1.94
C ILE A 62 -2.42 18.03 2.87
N GLU A 63 -1.38 18.31 3.66
CA GLU A 63 -1.37 19.49 4.54
C GLU A 63 -2.61 19.57 5.45
N ASP A 64 -3.12 18.42 5.89
CA ASP A 64 -4.30 18.32 6.74
C ASP A 64 -5.56 18.99 6.17
N ALA A 65 -5.64 19.02 4.83
CA ALA A 65 -6.72 19.61 4.09
C ALA A 65 -7.86 18.59 4.01
N VAL A 66 -8.28 18.08 5.17
CA VAL A 66 -9.29 17.07 5.30
C VAL A 66 -10.58 17.74 5.73
N SER A 67 -11.68 17.32 5.07
CA SER A 67 -13.06 17.65 5.48
C SER A 67 -13.63 16.43 6.17
N ILE A 68 -13.95 16.59 7.44
CA ILE A 68 -14.53 15.52 8.24
C ILE A 68 -16.01 15.36 7.89
N GLY A 69 -16.37 14.19 7.33
CA GLY A 69 -17.74 13.95 6.86
C GLY A 69 -18.68 13.23 7.81
N LEU A 70 -19.99 13.54 7.73
CA LEU A 70 -21.04 12.72 8.34
C LEU A 70 -21.24 11.48 7.45
N GLY A 71 -21.49 11.71 6.16
CA GLY A 71 -21.83 10.63 5.22
C GLY A 71 -23.14 10.98 4.52
N ALA A 72 -23.04 11.80 3.47
CA ALA A 72 -24.19 12.47 2.83
C ALA A 72 -25.11 13.23 3.83
N GLY A 73 -24.55 13.98 4.78
CA GLY A 73 -25.38 14.65 5.82
C GLY A 73 -26.23 13.74 6.72
N ASP A 74 -25.87 12.45 6.83
CA ASP A 74 -26.59 11.49 7.69
C ASP A 74 -26.46 11.85 9.20
N ASN A 75 -27.58 12.22 9.84
CA ASN A 75 -27.57 12.88 11.16
C ASN A 75 -27.19 11.99 12.33
N ARG A 76 -27.26 10.68 12.11
CA ARG A 76 -26.83 9.69 13.04
C ARG A 76 -25.31 9.78 13.28
N GLN A 77 -24.59 10.28 12.28
CA GLN A 77 -23.16 10.48 12.39
C GLN A 77 -22.78 11.78 13.11
N ALA A 78 -23.75 12.59 13.52
CA ALA A 78 -23.42 13.90 14.12
C ALA A 78 -22.66 13.77 15.44
N ALA A 79 -23.12 12.92 16.35
CA ALA A 79 -22.40 12.63 17.58
C ALA A 79 -20.99 12.02 17.35
N VAL A 80 -20.85 11.16 16.33
CA VAL A 80 -19.53 10.60 15.99
C VAL A 80 -18.54 11.70 15.55
N VAL A 81 -18.99 12.59 14.68
CA VAL A 81 -18.15 13.69 14.22
C VAL A 81 -17.78 14.63 15.40
N ALA A 82 -18.72 14.93 16.30
CA ALA A 82 -18.42 15.76 17.47
C ALA A 82 -17.29 15.18 18.31
N GLU A 83 -17.28 13.85 18.42
CA GLU A 83 -16.30 13.14 19.20
C GLU A 83 -14.93 13.11 18.47
N ILE A 84 -14.93 12.87 17.16
CA ILE A 84 -13.70 12.88 16.34
C ILE A 84 -12.94 14.23 16.53
N ALA A 85 -13.73 15.30 16.64
CA ALA A 85 -13.19 16.67 16.85
C ALA A 85 -12.32 16.85 18.09
N LYS A 86 -12.52 16.02 19.12
CA LYS A 86 -11.61 16.04 20.26
C LYS A 86 -10.21 15.59 19.87
N HIS A 87 -10.07 14.77 18.83
CA HIS A 87 -8.81 14.10 18.53
C HIS A 87 -8.21 14.47 17.20
N TYR A 88 -9.01 15.06 16.31
CA TYR A 88 -8.51 15.48 15.01
C TYR A 88 -9.38 16.59 14.45
N PRO A 89 -8.78 17.79 14.26
CA PRO A 89 -9.54 18.93 13.78
C PRO A 89 -9.72 18.96 12.24
N GLY A 90 -8.85 18.28 11.48
CA GLY A 90 -8.81 18.48 10.01
C GLY A 90 -8.70 19.96 9.66
N SER A 91 -9.21 20.36 8.49
CA SER A 91 -9.34 21.78 8.14
C SER A 91 -10.80 22.20 8.05
N HIS A 92 -11.70 21.22 7.93
CA HIS A 92 -13.07 21.53 7.61
C HIS A 92 -13.95 20.44 8.20
N ILE A 93 -15.07 20.80 8.81
CA ILE A 93 -15.90 19.81 9.48
C ILE A 93 -17.37 20.03 9.10
N ASN A 94 -18.00 18.96 8.59
CA ASN A 94 -19.41 18.94 8.24
C ASN A 94 -20.20 18.62 9.47
N GLN A 95 -21.18 19.43 9.80
CA GLN A 95 -21.96 19.13 11.01
C GLN A 95 -23.40 19.55 10.88
N VAL A 96 -24.30 18.92 11.64
CA VAL A 96 -25.69 19.29 11.66
C VAL A 96 -25.92 20.42 12.65
N PHE A 97 -26.91 21.29 12.36
CA PHE A 97 -27.12 22.51 13.15
C PHE A 97 -26.99 22.34 14.71
N PRO A 98 -27.69 21.37 15.30
CA PRO A 98 -27.65 21.39 16.78
C PRO A 98 -26.43 20.79 17.40
N SER A 99 -25.54 20.22 16.58
CA SER A 99 -24.23 19.69 17.08
C SER A 99 -23.07 20.62 16.76
N VAL A 100 -23.31 21.79 16.17
CA VAL A 100 -22.18 22.72 15.90
C VAL A 100 -21.46 23.12 17.20
N GLY A 101 -22.24 23.43 18.23
CA GLY A 101 -21.73 23.94 19.49
C GLY A 101 -20.82 22.97 20.21
N ALA A 102 -21.28 21.70 20.26
CA ALA A 102 -20.52 20.61 20.85
C ALA A 102 -19.21 20.40 20.11
N THR A 103 -19.25 20.52 18.79
CA THR A 103 -18.11 20.24 17.96
C THR A 103 -17.06 21.33 18.15
N ARG A 104 -17.49 22.59 18.24
CA ARG A 104 -16.56 23.70 18.46
C ARG A 104 -15.91 23.54 19.83
N ALA A 105 -16.73 23.28 20.87
CA ALA A 105 -16.21 23.06 22.22
C ALA A 105 -15.17 21.93 22.21
N ASN A 106 -15.52 20.80 21.60
CA ASN A 106 -14.63 19.66 21.54
C ASN A 106 -13.30 19.91 20.85
N LEU A 107 -13.26 20.84 19.91
CA LEU A 107 -11.98 21.19 19.30
C LEU A 107 -10.95 21.67 20.32
N GLY A 108 -11.42 22.12 21.50
CA GLY A 108 -10.57 22.54 22.59
C GLY A 108 -9.59 23.64 22.23
N GLY A 109 -10.02 24.52 21.30
CA GLY A 109 -9.25 25.67 20.86
C GLY A 109 -8.39 25.44 19.63
N LYS A 110 -8.39 24.24 19.04
CA LYS A 110 -7.68 24.04 17.80
C LYS A 110 -8.49 24.70 16.70
N ASP A 111 -7.79 25.29 15.77
CA ASP A 111 -8.43 26.00 14.68
C ASP A 111 -9.07 24.99 13.71
N SER A 112 -10.36 25.16 13.45
CA SER A 112 -10.98 24.50 12.32
C SER A 112 -12.25 25.26 11.91
N TRP A 113 -12.75 24.86 10.76
CA TRP A 113 -13.92 25.49 10.18
C TRP A 113 -15.08 24.49 10.22
N ILE A 114 -16.19 24.88 10.85
CA ILE A 114 -17.33 23.98 11.03
C ILE A 114 -18.53 24.56 10.27
N ASN A 115 -19.12 23.80 9.34
CA ASN A 115 -20.37 24.19 8.70
C ASN A 115 -21.60 23.71 9.51
N SER A 116 -22.76 24.27 9.18
CA SER A 116 -24.04 23.91 9.82
C SER A 116 -25.06 23.54 8.78
N LEU A 117 -25.50 22.27 8.79
CA LEU A 117 -26.44 21.79 7.81
C LEU A 117 -27.81 22.45 8.07
N VAL A 118 -28.29 23.19 7.07
CA VAL A 118 -29.67 23.70 7.05
C VAL A 118 -30.27 23.36 5.68
N SER A 119 -31.58 23.21 5.64
CA SER A 119 -32.23 22.68 4.48
C SER A 119 -33.27 23.61 3.85
N PRO A 120 -33.52 23.42 2.55
CA PRO A 120 -34.62 24.07 1.88
C PRO A 120 -35.97 23.71 2.53
N THR A 121 -36.96 24.55 2.33
CA THR A 121 -38.27 24.43 2.98
C THR A 121 -39.43 24.60 1.99
N GLY A 122 -39.14 25.02 0.76
CA GLY A 122 -40.23 25.41 -0.16
C GLY A 122 -40.66 26.86 0.06
N LYS A 123 -39.98 27.57 0.96
CA LYS A 123 -40.35 28.90 1.37
C LYS A 123 -39.13 29.80 1.23
N VAL A 124 -39.17 30.66 0.22
CA VAL A 124 -38.04 31.52 -0.06
C VAL A 124 -37.78 32.48 1.09
N GLY A 125 -36.55 32.47 1.63
CA GLY A 125 -36.17 33.27 2.78
C GLY A 125 -36.09 32.49 4.11
N TYR A 126 -36.46 31.21 4.09
CA TYR A 126 -36.52 30.36 5.29
C TYR A 126 -35.80 29.01 5.17
N VAL A 127 -35.08 28.63 6.23
CA VAL A 127 -34.35 27.39 6.25
C VAL A 127 -34.80 26.50 7.41
N ASN A 128 -34.71 25.19 7.20
CA ASN A 128 -35.00 24.23 8.25
C ASN A 128 -33.70 23.93 9.04
N ILE A 129 -33.70 24.29 10.32
CA ILE A 129 -32.58 24.04 11.21
C ILE A 129 -32.76 22.74 12.05
N SER A 130 -33.90 22.11 11.92
CA SER A 130 -34.16 20.85 12.61
C SER A 130 -33.47 19.67 11.94
N THR A 131 -32.13 19.70 11.91
CA THR A 131 -31.35 18.71 11.16
C THR A 131 -30.53 17.70 12.01
N GLY A 132 -30.72 17.67 13.32
CA GLY A 132 -30.13 16.65 14.15
C GLY A 132 -31.13 15.47 14.19
N PRO A 133 -30.76 14.38 14.86
CA PRO A 133 -31.60 13.18 14.82
C PRO A 133 -32.98 13.32 15.48
N ILE A 134 -33.03 13.90 16.67
CA ILE A 134 -34.30 14.08 17.34
C ILE A 134 -35.11 15.16 16.63
N SER A 135 -34.47 16.27 16.28
CA SER A 135 -35.22 17.35 15.62
C SER A 135 -35.74 16.94 14.24
N ALA A 136 -34.93 16.23 13.46
CA ALA A 136 -35.37 15.80 12.12
C ALA A 136 -36.54 14.79 12.19
N ALA A 137 -36.74 14.12 13.33
CA ALA A 137 -37.76 13.08 13.41
C ALA A 137 -39.07 13.67 13.94
N GLY A 138 -39.09 14.95 14.27
CA GLY A 138 -40.32 15.57 14.81
C GLY A 138 -41.39 15.82 13.77
N GLU A 139 -42.62 16.05 14.22
CA GLU A 139 -43.74 16.32 13.30
C GLU A 139 -43.59 17.63 12.57
N GLU A 140 -43.27 18.72 13.26
CA GLU A 140 -42.98 20.01 12.62
C GLU A 140 -41.48 20.24 12.68
N LYS A 141 -40.96 21.02 11.75
CA LYS A 141 -39.57 21.44 11.78
C LYS A 141 -39.51 22.93 12.17
N ALA A 142 -38.38 23.33 12.73
CA ALA A 142 -38.07 24.73 13.01
C ALA A 142 -37.64 25.40 11.71
N ILE A 143 -38.51 26.28 11.23
CA ILE A 143 -38.31 26.92 9.91
C ILE A 143 -38.17 28.43 10.13
N VAL A 144 -37.00 28.95 9.83
CA VAL A 144 -36.66 30.26 10.35
C VAL A 144 -35.99 31.10 9.29
N PRO A 145 -36.04 32.43 9.47
CA PRO A 145 -35.42 33.30 8.48
C PRO A 145 -33.95 33.03 8.43
N ILE A 146 -33.38 33.01 7.22
CA ILE A 146 -31.97 32.66 7.02
C ILE A 146 -31.03 33.37 7.97
N LYS A 147 -31.23 34.67 8.11
CA LYS A 147 -30.35 35.47 8.96
C LYS A 147 -30.41 35.08 10.43
N THR A 148 -31.58 34.64 10.91
CA THR A 148 -31.66 34.20 12.32
C THR A 148 -30.90 32.88 12.49
N ALA A 149 -30.86 32.06 11.45
CA ALA A 149 -30.11 30.81 11.49
C ALA A 149 -28.58 31.11 11.51
N ILE A 150 -28.13 32.02 10.65
CA ILE A 150 -26.75 32.47 10.64
C ILE A 150 -26.32 32.96 12.04
N ALA A 151 -27.18 33.76 12.71
CA ALA A 151 -26.84 34.33 14.02
C ALA A 151 -26.68 33.22 15.06
N LEU A 152 -27.57 32.23 15.00
CA LEU A 152 -27.53 31.11 15.91
C LEU A 152 -26.27 30.23 15.65
N VAL A 153 -25.95 30.01 14.39
CA VAL A 153 -24.74 29.27 14.04
C VAL A 153 -23.51 29.97 14.62
N ARG A 154 -23.45 31.29 14.46
CA ARG A 154 -22.34 32.05 15.02
C ARG A 154 -22.27 31.91 16.53
N ASP A 155 -23.40 31.97 17.21
CA ASP A 155 -23.43 31.75 18.67
C ASP A 155 -22.95 30.34 19.05
N GLY A 157 -20.46 28.87 17.39
CA GLY A 157 -19.09 28.73 16.85
C GLY A 157 -18.92 28.18 15.43
N GLY A 158 -19.97 28.20 14.61
CA GLY A 158 -19.90 27.76 13.18
C GLY A 158 -19.41 28.86 12.25
N ASN A 159 -18.92 28.47 11.07
CA ASN A 159 -18.36 29.36 10.05
C ASN A 159 -19.19 29.55 8.77
N SER A 160 -20.18 28.68 8.54
CA SER A 160 -20.91 28.65 7.28
C SER A 160 -22.23 27.91 7.38
N LEU A 161 -23.08 28.14 6.39
CA LEU A 161 -24.24 27.29 6.15
C LEU A 161 -23.90 26.25 5.13
N LYS A 162 -24.08 24.99 5.51
CA LYS A 162 -24.14 23.91 4.53
C LYS A 162 -25.59 23.80 4.09
N TYR A 163 -25.84 24.16 2.83
CA TYR A 163 -27.20 24.16 2.28
C TYR A 163 -27.46 22.88 1.49
N PHE A 164 -28.30 22.03 2.07
CA PHE A 164 -28.48 20.66 1.62
C PHE A 164 -29.85 20.14 2.07
N PRO A 165 -30.54 19.36 1.21
CA PRO A 165 -30.18 18.92 -0.13
C PRO A 165 -30.68 19.88 -1.20
N LYS A 167 -30.68 19.41 -4.62
CA LYS A 167 -31.11 18.81 -5.90
C LYS A 167 -30.73 19.71 -7.07
N GLY A 168 -29.47 20.11 -7.10
CA GLY A 168 -28.95 20.96 -8.19
C GLY A 168 -29.59 22.33 -8.15
N LEU A 169 -30.25 22.70 -9.26
CA LEU A 169 -30.93 23.98 -9.40
C LEU A 169 -32.42 23.90 -9.14
N ALA A 170 -32.89 22.75 -8.65
CA ALA A 170 -34.32 22.58 -8.38
C ALA A 170 -34.88 23.65 -7.45
N HIS A 171 -34.07 24.17 -6.54
CA HIS A 171 -34.55 25.20 -5.61
C HIS A 171 -33.76 26.50 -5.80
N GLU A 172 -33.63 26.93 -7.04
CA GLU A 172 -32.78 28.06 -7.36
C GLU A 172 -33.20 29.33 -6.63
N GLU A 173 -34.49 29.63 -6.60
CA GLU A 173 -34.99 30.87 -5.99
C GLU A 173 -34.72 30.88 -4.49
N GLU A 174 -34.89 29.73 -3.83
CA GLU A 174 -34.57 29.65 -2.41
C GLU A 174 -33.06 29.84 -2.22
N TYR A 175 -32.27 29.21 -3.08
CA TYR A 175 -30.80 29.32 -2.98
C TYR A 175 -30.35 30.76 -3.21
N ARG A 176 -30.99 31.45 -4.16
CA ARG A 176 -30.67 32.86 -4.37
C ARG A 176 -30.87 33.66 -3.08
N ALA A 177 -31.96 33.43 -2.37
CA ALA A 177 -32.21 34.21 -1.16
C ALA A 177 -31.20 33.84 -0.04
N VAL A 178 -30.82 32.57 0.04
CA VAL A 178 -29.79 32.18 1.00
C VAL A 178 -28.44 32.87 0.73
N ALA A 179 -28.04 32.88 -0.54
CA ALA A 179 -26.83 33.57 -0.97
C ALA A 179 -26.85 35.05 -0.62
N LYS A 180 -27.98 35.73 -0.88
CA LYS A 180 -28.18 37.14 -0.56
C LYS A 180 -28.03 37.39 0.93
N ALA A 181 -28.75 36.65 1.77
CA ALA A 181 -28.63 36.74 3.23
C ALA A 181 -27.19 36.49 3.73
N CYS A 182 -26.55 35.46 3.18
CA CYS A 182 -25.17 35.18 3.58
C CYS A 182 -24.26 36.39 3.26
N ALA A 183 -24.33 36.86 2.03
CA ALA A 183 -23.54 38.01 1.59
C ALA A 183 -23.74 39.23 2.47
N GLU A 184 -25.00 39.52 2.81
CA GLU A 184 -25.33 40.66 3.64
C GLU A 184 -24.81 40.47 5.08
N GLU A 185 -24.77 39.25 5.58
CA GLU A 185 -24.26 38.99 6.93
C GLU A 185 -22.75 38.68 6.99
N GLY A 186 -22.06 38.73 5.86
CA GLY A 186 -20.61 38.44 5.83
C GLY A 186 -20.33 36.98 6.15
N PHE A 187 -21.19 36.08 5.71
CA PHE A 187 -21.12 34.67 6.13
C PHE A 187 -20.91 33.80 4.90
N ALA A 188 -20.23 32.66 5.11
CA ALA A 188 -19.86 31.69 4.10
C ALA A 188 -20.99 30.67 3.81
N LEU A 189 -20.93 30.11 2.60
CA LEU A 189 -21.97 29.26 2.08
C LEU A 189 -21.41 28.07 1.35
N GLU A 190 -22.01 26.89 1.60
CA GLU A 190 -21.56 25.63 0.99
C GLU A 190 -22.72 24.91 0.30
N PRO A 191 -22.99 25.25 -0.98
CA PRO A 191 -24.06 24.54 -1.65
C PRO A 191 -23.71 23.06 -1.86
N THR A 192 -24.70 22.18 -1.65
CA THR A 192 -24.51 20.74 -1.68
C THR A 192 -25.75 20.03 -2.11
N GLY A 193 -25.56 18.99 -2.92
CA GLY A 193 -26.60 18.05 -3.26
C GLY A 193 -26.98 18.26 -4.71
N GLY A 194 -26.72 17.26 -5.54
CA GLY A 194 -27.04 17.30 -6.95
C GLY A 194 -26.21 18.22 -7.82
N ILE A 195 -25.01 18.55 -7.37
CA ILE A 195 -24.12 19.39 -8.13
C ILE A 195 -23.29 18.51 -9.02
N ASP A 196 -23.31 18.83 -10.31
CA ASP A 196 -22.54 18.08 -11.29
C ASP A 196 -21.78 19.05 -12.16
N LYS A 197 -21.04 18.52 -13.12
CA LYS A 197 -20.24 19.36 -13.99
C LYS A 197 -21.07 20.33 -14.86
N GLU A 198 -22.35 20.04 -15.08
CA GLU A 198 -23.19 20.92 -15.95
C GLU A 198 -23.91 22.04 -15.20
N ASN A 199 -24.09 21.92 -13.88
CA ASN A 199 -24.70 23.01 -13.12
C ASN A 199 -23.74 23.67 -12.13
N PHE A 200 -22.49 23.17 -12.11
CA PHE A 200 -21.51 23.64 -11.15
C PHE A 200 -21.26 25.13 -11.33
N GLU A 201 -21.03 25.59 -12.56
CA GLU A 201 -20.67 26.98 -12.78
C GLU A 201 -21.76 27.97 -12.34
N THR A 202 -23.00 27.64 -12.68
CA THR A 202 -24.16 28.45 -12.34
C THR A 202 -24.34 28.54 -10.81
N ILE A 203 -24.22 27.42 -10.12
CA ILE A 203 -24.40 27.40 -8.66
C ILE A 203 -23.37 28.27 -7.96
N VAL A 204 -22.10 28.15 -8.35
CA VAL A 204 -21.07 28.99 -7.79
C VAL A 204 -21.26 30.46 -8.20
N ARG A 205 -21.55 30.71 -9.49
CA ARG A 205 -21.78 32.08 -9.98
C ARG A 205 -22.91 32.76 -9.19
N ILE A 206 -23.99 32.06 -8.90
CA ILE A 206 -25.08 32.69 -8.15
C ILE A 206 -24.55 33.31 -6.83
N ALA A 207 -23.72 32.53 -6.13
CA ALA A 207 -23.12 32.93 -4.86
C ALA A 207 -22.19 34.09 -5.01
N LEU A 208 -21.29 34.02 -5.99
CA LEU A 208 -20.39 35.13 -6.26
C LEU A 208 -21.14 36.43 -6.65
N GLU A 209 -22.13 36.32 -7.55
CA GLU A 209 -22.96 37.46 -7.98
C GLU A 209 -23.67 38.08 -6.80
N ALA A 210 -24.10 37.28 -5.82
CA ALA A 210 -24.70 37.78 -4.57
C ALA A 210 -23.68 38.51 -3.69
N ASN A 211 -22.41 38.27 -3.99
CA ASN A 211 -21.29 38.77 -3.22
C ASN A 211 -21.05 37.99 -1.91
N VAL A 212 -21.27 36.66 -1.94
CA VAL A 212 -20.81 35.79 -0.86
C VAL A 212 -19.29 35.72 -1.00
N GLU A 213 -18.56 35.96 0.09
CA GLU A 213 -17.11 36.05 -0.03
C GLU A 213 -16.48 34.67 -0.18
N ARG A 214 -16.83 33.79 0.74
CA ARG A 214 -16.35 32.42 0.71
C ARG A 214 -17.43 31.42 0.38
N VAL A 215 -17.20 30.64 -0.68
CA VAL A 215 -18.14 29.63 -1.18
C VAL A 215 -17.39 28.31 -1.25
N ILE A 216 -17.97 27.23 -0.70
CA ILE A 216 -17.40 25.87 -0.81
C ILE A 216 -18.44 24.95 -1.43
N PRO A 217 -18.36 24.78 -2.76
CA PRO A 217 -19.30 23.85 -3.39
C PRO A 217 -18.85 22.42 -3.14
N HIS A 218 -19.80 21.55 -2.78
CA HIS A 218 -19.49 20.16 -2.55
C HIS A 218 -19.95 19.41 -3.80
N VAL A 219 -19.07 18.60 -4.37
CA VAL A 219 -19.33 17.86 -5.59
C VAL A 219 -18.90 16.43 -5.27
N TYR A 220 -19.89 15.54 -5.15
CA TYR A 220 -19.64 14.18 -4.71
C TYR A 220 -19.79 13.13 -5.82
N SER A 221 -20.89 12.37 -5.83
CA SER A 221 -20.99 11.20 -6.73
C SER A 221 -20.99 11.51 -8.24
N SER A 222 -21.41 12.71 -8.62
CA SER A 222 -21.30 13.16 -10.03
C SER A 222 -19.88 13.16 -10.59
N ILE A 223 -18.86 13.19 -9.73
CA ILE A 223 -17.48 13.11 -10.25
C ILE A 223 -16.74 11.85 -9.75
N ILE A 224 -17.51 10.85 -9.31
CA ILE A 224 -16.91 9.61 -8.81
C ILE A 224 -17.00 8.52 -9.88
N ASP A 225 -15.86 7.91 -10.19
CA ASP A 225 -15.76 6.80 -11.13
C ASP A 225 -16.23 5.55 -10.38
N LYS A 226 -17.37 4.99 -10.73
CA LYS A 226 -17.92 3.87 -9.96
C LYS A 226 -17.07 2.60 -10.14
N GLU A 227 -16.34 2.48 -11.26
CA GLU A 227 -15.42 1.36 -11.51
C GLU A 227 -14.37 1.22 -10.40
N THR A 228 -13.83 2.35 -9.93
CA THR A 228 -12.76 2.33 -8.92
C THR A 228 -13.24 2.89 -7.60
N GLY A 229 -14.34 3.64 -7.59
CA GLY A 229 -14.75 4.38 -6.40
C GLY A 229 -13.97 5.70 -6.22
N ASN A 230 -12.95 5.94 -7.04
CA ASN A 230 -12.17 7.17 -7.01
C ASN A 230 -12.90 8.39 -7.60
N THR A 231 -12.81 9.52 -6.92
CA THR A 231 -13.06 10.81 -7.52
C THR A 231 -12.14 10.98 -8.72
N LYS A 232 -12.72 11.42 -9.83
CA LYS A 232 -11.97 11.58 -11.07
C LYS A 232 -11.08 12.83 -11.07
N VAL A 233 -9.80 12.59 -11.29
CA VAL A 233 -8.81 13.65 -11.31
C VAL A 233 -9.07 14.64 -12.47
N GLU A 234 -9.38 14.15 -13.66
CA GLU A 234 -9.71 15.04 -14.80
C GLU A 234 -10.94 15.91 -14.51
N ASP A 235 -11.91 15.38 -13.76
CA ASP A 235 -13.07 16.17 -13.37
C ASP A 235 -12.66 17.28 -12.41
N VAL A 236 -11.84 16.97 -11.40
CA VAL A 236 -11.33 18.00 -10.49
C VAL A 236 -10.53 19.07 -11.24
N ARG A 237 -9.72 18.67 -12.21
CA ARG A 237 -9.04 19.66 -13.03
C ARG A 237 -10.02 20.55 -13.77
N GLU A 238 -11.00 19.94 -14.39
CA GLU A 238 -12.00 20.69 -15.10
C GLU A 238 -12.76 21.64 -14.15
N LEU A 239 -13.11 21.20 -12.95
CA LEU A 239 -13.77 22.09 -11.97
C LEU A 239 -12.93 23.30 -11.54
N LEU A 240 -11.64 23.08 -11.30
CA LEU A 240 -10.74 24.17 -10.97
C LEU A 240 -10.66 25.15 -12.11
N ALA A 241 -10.61 24.66 -13.36
CA ALA A 241 -10.53 25.59 -14.50
C ALA A 241 -11.80 26.46 -14.49
N VAL A 242 -12.94 25.85 -14.18
CA VAL A 242 -14.18 26.63 -14.14
C VAL A 242 -14.11 27.63 -12.99
N VAL A 243 -13.54 27.24 -11.86
CA VAL A 243 -13.48 28.12 -10.71
C VAL A 243 -12.64 29.32 -11.07
N LYS A 244 -11.50 29.07 -11.72
CA LYS A 244 -10.60 30.16 -12.04
C LYS A 244 -11.25 31.13 -13.04
N LYS A 245 -11.82 30.59 -14.11
CA LYS A 245 -12.44 31.44 -15.12
C LYS A 245 -13.51 32.36 -14.50
N LEU A 246 -14.24 31.81 -13.55
CA LEU A 246 -15.32 32.50 -12.88
C LEU A 246 -14.82 33.56 -11.89
N VAL A 247 -13.97 33.16 -10.94
CA VAL A 247 -13.42 34.07 -9.93
C VAL A 247 -12.53 35.16 -10.51
N ASP A 248 -11.86 34.89 -11.62
CA ASP A 248 -10.98 35.91 -12.22
C ASP A 248 -11.78 37.09 -12.74
N GLN A 249 -13.09 36.95 -12.85
CA GLN A 249 -13.98 38.06 -13.20
C GLN A 249 -14.38 38.98 -12.03
N TYR A 250 -14.14 38.58 -10.79
CA TYR A 250 -14.52 39.44 -9.64
C TYR A 250 -13.33 40.16 -9.03
N ALA A 251 -12.16 40.02 -9.66
CA ALA A 251 -10.98 40.87 -9.40
C ALA A 251 -10.84 41.27 -7.92
N THR B 2 31.68 -11.67 4.57
CA THR B 2 30.84 -12.91 4.49
C THR B 2 31.55 -13.93 3.59
N ASN B 3 31.44 -15.22 3.88
CA ASN B 3 32.18 -16.24 3.14
C ASN B 3 31.61 -16.48 1.75
N ILE B 4 30.29 -16.34 1.62
CA ILE B 4 29.60 -16.51 0.35
C ILE B 4 29.86 -15.37 -0.66
N GLN B 5 30.27 -14.19 -0.17
CA GLN B 5 30.45 -13.03 -1.04
C GLN B 5 31.34 -13.29 -2.25
N LYS B 6 32.46 -13.99 -2.09
CA LYS B 6 33.30 -14.28 -3.26
C LYS B 6 32.65 -15.31 -4.22
N ARG B 7 31.53 -15.93 -3.84
CA ARG B 7 30.86 -16.87 -4.76
C ARG B 7 30.04 -16.19 -5.89
N PHE B 8 29.80 -14.89 -5.77
CA PHE B 8 29.02 -14.13 -6.75
C PHE B 8 29.92 -13.54 -7.81
N TYR B 9 29.69 -13.92 -9.06
CA TYR B 9 30.43 -13.35 -10.17
C TYR B 9 30.16 -11.85 -10.25
N LYS B 10 31.23 -11.08 -10.20
CA LYS B 10 31.19 -9.62 -10.06
C LYS B 10 30.20 -9.12 -9.01
N GLY B 11 30.05 -9.88 -7.93
CA GLY B 11 29.08 -9.49 -6.89
C GLY B 11 27.62 -9.71 -7.22
N ARG B 12 27.33 -10.33 -8.35
CA ARG B 12 25.94 -10.39 -8.79
C ARG B 12 25.31 -11.81 -8.83
N VAL B 13 25.97 -12.81 -9.39
CA VAL B 13 25.31 -14.14 -9.59
C VAL B 13 26.19 -15.28 -9.08
N ALA B 14 25.68 -16.06 -8.13
CA ALA B 14 26.31 -17.30 -7.73
C ALA B 14 25.46 -18.49 -8.17
N LEU B 15 26.08 -19.47 -8.78
CA LEU B 15 25.39 -20.73 -9.10
C LEU B 15 25.13 -21.55 -7.85
N ASN B 16 24.00 -22.26 -7.83
CA ASN B 16 23.79 -23.32 -6.87
C ASN B 16 23.42 -24.59 -7.63
N VAL B 17 24.30 -25.58 -7.61
CA VAL B 17 24.10 -26.88 -8.21
C VAL B 17 24.44 -27.98 -7.19
N LEU B 18 23.99 -29.20 -7.46
CA LEU B 18 24.21 -30.32 -6.58
C LEU B 18 25.48 -31.05 -6.98
N ALA B 19 26.16 -31.65 -5.99
CA ALA B 19 27.30 -32.56 -6.20
C ALA B 19 26.96 -33.97 -5.70
N ASN B 20 27.35 -34.95 -6.51
CA ASN B 20 27.04 -36.35 -6.29
C ASN B 20 28.02 -37.08 -5.35
N ASN B 21 29.18 -36.48 -5.13
CA ASN B 21 30.29 -37.11 -4.46
C ASN B 21 31.42 -36.08 -4.51
N ILE B 22 32.47 -36.31 -3.73
CA ILE B 22 33.49 -35.28 -3.54
C ILE B 22 34.24 -34.94 -4.84
N GLU B 23 34.47 -35.94 -5.69
CA GLU B 23 35.14 -35.67 -6.96
C GLU B 23 34.26 -34.76 -7.85
N ASN B 24 32.95 -35.03 -7.90
CA ASN B 24 32.00 -34.20 -8.65
C ASN B 24 32.02 -32.77 -8.10
N ALA B 25 31.97 -32.68 -6.77
CA ALA B 25 32.06 -31.39 -6.05
C ALA B 25 33.31 -30.61 -6.46
N LYS B 26 34.47 -31.27 -6.46
CA LYS B 26 35.71 -30.61 -6.91
C LYS B 26 35.65 -30.17 -8.38
N ASP B 27 35.13 -31.03 -9.24
CA ASP B 27 35.01 -30.73 -10.66
C ASP B 27 34.05 -29.59 -10.92
N ILE B 28 32.94 -29.55 -10.19
CA ILE B 28 31.99 -28.46 -10.31
C ILE B 28 32.65 -27.13 -9.93
N PHE B 29 33.33 -27.14 -8.78
CA PHE B 29 33.95 -25.95 -8.23
C PHE B 29 34.96 -25.40 -9.21
N GLU B 30 35.73 -26.29 -9.84
CA GLU B 30 36.67 -25.90 -10.91
C GLU B 30 35.91 -25.32 -12.12
N ALA B 31 34.89 -26.04 -12.59
CA ALA B 31 34.16 -25.57 -13.79
C ALA B 31 33.45 -24.22 -13.59
N ALA B 32 33.03 -23.92 -12.36
CA ALA B 32 32.40 -22.63 -12.06
C ALA B 32 33.41 -21.55 -11.67
N GLU B 33 34.70 -21.88 -11.72
CA GLU B 33 35.75 -20.97 -11.26
C GLU B 33 35.44 -20.43 -9.86
N GLY B 34 34.83 -21.27 -9.02
CA GLY B 34 34.54 -20.92 -7.64
C GLY B 34 33.30 -20.08 -7.44
N TYR B 35 32.57 -19.78 -8.52
CA TYR B 35 31.41 -18.91 -8.41
C TYR B 35 30.17 -19.76 -8.22
N VAL B 36 30.15 -20.53 -7.13
CA VAL B 36 29.16 -21.57 -6.93
C VAL B 36 29.14 -22.05 -5.48
N VAL B 37 28.00 -22.51 -5.03
CA VAL B 37 27.87 -23.19 -3.77
C VAL B 37 27.27 -24.53 -4.22
N VAL B 38 27.79 -25.61 -3.62
CA VAL B 38 27.60 -26.94 -4.10
C VAL B 38 26.69 -27.66 -3.13
N GLY B 39 25.55 -28.12 -3.64
CA GLY B 39 24.50 -28.73 -2.82
C GLY B 39 24.84 -30.13 -2.35
N VAL B 40 24.73 -30.34 -1.03
CA VAL B 40 24.79 -31.66 -0.42
C VAL B 40 23.51 -31.81 0.42
N LEU B 41 22.79 -32.93 0.25
CA LEU B 41 21.42 -33.00 0.79
C LEU B 41 21.32 -33.76 2.10
N SER B 42 20.72 -33.13 3.12
CA SER B 42 20.55 -33.77 4.43
C SER B 42 19.79 -35.11 4.31
N LYS B 43 18.89 -35.19 3.34
CA LYS B 43 18.06 -36.38 3.15
C LYS B 43 18.89 -37.60 2.77
N ASP B 44 20.08 -37.40 2.22
CA ASP B 44 20.90 -38.55 1.86
C ASP B 44 21.63 -39.22 3.04
N TYR B 45 21.47 -38.70 4.25
CA TYR B 45 22.19 -39.28 5.41
C TYR B 45 21.23 -39.58 6.54
N PRO B 46 21.39 -40.74 7.19
CA PRO B 46 20.39 -41.11 8.18
C PRO B 46 20.44 -40.32 9.48
N THR B 47 21.57 -39.67 9.77
CA THR B 47 21.73 -38.93 11.00
C THR B 47 22.36 -37.56 10.73
N VAL B 48 22.18 -36.65 11.66
CA VAL B 48 22.84 -35.36 11.61
C VAL B 48 24.36 -35.54 11.55
N GLU B 49 24.89 -36.46 12.37
CA GLU B 49 26.33 -36.69 12.45
C GLU B 49 26.91 -37.15 11.10
N GLU B 50 26.28 -38.11 10.44
CA GLU B 50 26.73 -38.58 9.12
C GLU B 50 26.66 -37.50 8.06
N ALA B 51 25.60 -36.70 8.10
CA ALA B 51 25.48 -35.55 7.20
C ALA B 51 26.59 -34.53 7.41
N VAL B 52 26.81 -34.14 8.68
CA VAL B 52 27.87 -33.21 9.09
C VAL B 52 29.24 -33.70 8.63
N THR B 53 29.52 -34.99 8.85
CA THR B 53 30.79 -35.59 8.47
C THR B 53 31.03 -35.44 6.98
N ALA B 54 30.07 -35.86 6.17
CA ALA B 54 30.22 -35.81 4.71
C ALA B 54 30.29 -34.35 4.20
N LYS B 56 31.39 -31.66 5.85
CA LYS B 56 32.73 -31.16 6.19
C LYS B 56 33.82 -31.72 5.25
N ALA B 57 33.66 -32.97 4.82
CA ALA B 57 34.57 -33.59 3.86
C ALA B 57 34.51 -32.92 2.48
N TYR B 58 33.31 -32.67 2.00
CA TYR B 58 33.14 -31.93 0.74
C TYR B 58 33.78 -30.55 0.89
N GLY B 59 33.41 -29.81 1.93
CA GLY B 59 33.93 -28.46 2.16
C GLY B 59 35.45 -28.34 2.23
N LYS B 60 36.09 -29.32 2.84
CA LYS B 60 37.55 -29.36 2.91
C LYS B 60 38.16 -29.20 1.53
N GLU B 61 37.56 -29.79 0.50
CA GLU B 61 38.09 -29.73 -0.85
C GLU B 61 37.68 -28.51 -1.69
N ILE B 62 36.63 -27.78 -1.28
CA ILE B 62 36.12 -26.64 -2.07
C ILE B 62 35.90 -25.39 -1.23
N GLU B 63 36.84 -25.06 -0.35
CA GLU B 63 36.81 -23.85 0.43
C GLU B 63 35.49 -23.72 1.21
N ASP B 64 34.93 -24.84 1.69
CA ASP B 64 33.65 -24.81 2.41
C ASP B 64 32.51 -24.11 1.67
N ALA B 65 32.57 -24.11 0.35
CA ALA B 65 31.52 -23.56 -0.52
C ALA B 65 30.36 -24.57 -0.68
N VAL B 66 29.82 -25.02 0.44
CA VAL B 66 28.78 -26.06 0.48
C VAL B 66 27.44 -25.42 0.76
N SER B 67 26.42 -25.89 0.06
CA SER B 67 25.04 -25.45 0.26
C SER B 67 24.31 -26.61 0.93
N ILE B 68 23.92 -26.42 2.18
CA ILE B 68 23.28 -27.45 2.97
C ILE B 68 21.84 -27.55 2.47
N GLY B 69 21.45 -28.71 1.96
CA GLY B 69 20.15 -28.84 1.35
C GLY B 69 19.11 -29.62 2.13
N LEU B 70 17.85 -29.28 1.88
CA LEU B 70 16.74 -30.06 2.36
C LEU B 70 16.63 -31.36 1.56
N GLY B 71 16.52 -31.24 0.25
CA GLY B 71 16.28 -32.40 -0.62
C GLY B 71 14.81 -32.45 -1.03
N ALA B 72 14.53 -31.91 -2.22
CA ALA B 72 13.17 -31.73 -2.72
C ALA B 72 12.57 -30.38 -2.34
N GLY B 73 13.27 -29.55 -1.53
CA GLY B 73 12.55 -28.57 -0.67
C GLY B 73 11.64 -29.30 0.37
N ASP B 74 11.81 -30.64 0.48
CA ASP B 74 11.06 -31.56 1.36
C ASP B 74 11.11 -31.07 2.81
N ASN B 75 9.97 -30.62 3.32
CA ASN B 75 9.94 -29.86 4.54
C ASN B 75 10.19 -30.68 5.82
N ARG B 76 10.17 -32.01 5.73
CA ARG B 76 10.56 -32.83 6.90
C ARG B 76 12.06 -32.70 7.25
N GLN B 77 12.84 -32.28 6.26
CA GLN B 77 14.26 -32.06 6.43
C GLN B 77 14.56 -30.72 7.09
N ALA B 78 13.55 -29.87 7.30
CA ALA B 78 13.80 -28.56 7.92
C ALA B 78 14.38 -28.65 9.35
N ALA B 79 13.85 -29.54 10.20
CA ALA B 79 14.37 -29.73 11.57
C ALA B 79 15.75 -30.34 11.52
N VAL B 80 15.98 -31.20 10.52
CA VAL B 80 17.32 -31.78 10.35
C VAL B 80 18.35 -30.73 9.99
N VAL B 81 18.02 -29.85 9.06
CA VAL B 81 18.95 -28.82 8.62
C VAL B 81 19.24 -27.79 9.74
N ALA B 82 18.22 -27.45 10.51
CA ALA B 82 18.40 -26.61 11.69
C ALA B 82 19.40 -27.25 12.68
N GLU B 83 19.38 -28.58 12.80
CA GLU B 83 20.30 -29.22 13.74
C GLU B 83 21.71 -29.27 13.13
N ILE B 84 21.81 -29.54 11.83
CA ILE B 84 23.11 -29.56 11.17
C ILE B 84 23.81 -28.25 11.43
N ALA B 85 23.05 -27.17 11.48
CA ALA B 85 23.61 -25.83 11.58
C ALA B 85 24.33 -25.59 12.92
N LYS B 86 24.02 -26.36 13.96
CA LYS B 86 24.78 -26.26 15.23
C LYS B 86 26.18 -26.81 15.06
N HIS B 87 26.38 -27.67 14.06
CA HIS B 87 27.66 -28.34 13.82
C HIS B 87 28.48 -27.82 12.63
N TYR B 88 27.80 -27.32 11.61
CA TYR B 88 28.44 -27.01 10.34
C TYR B 88 27.65 -25.91 9.62
N PRO B 89 28.28 -24.75 9.39
CA PRO B 89 27.56 -23.65 8.75
C PRO B 89 27.56 -23.68 7.23
N GLY B 90 28.47 -24.44 6.62
CA GLY B 90 28.68 -24.36 5.17
C GLY B 90 28.94 -22.91 4.72
N SER B 91 28.59 -22.59 3.49
CA SER B 91 28.53 -21.20 3.09
C SER B 91 27.11 -20.73 2.83
N HIS B 92 26.19 -21.69 2.76
CA HIS B 92 24.84 -21.47 2.24
C HIS B 92 23.92 -22.52 2.80
N ILE B 93 22.74 -22.11 3.26
CA ILE B 93 21.80 -23.02 3.87
C ILE B 93 20.39 -22.83 3.34
N ASN B 94 19.82 -23.94 2.87
CA ASN B 94 18.46 -23.96 2.38
C ASN B 94 17.52 -24.20 3.50
N GLN B 95 16.44 -23.43 3.58
CA GLN B 95 15.51 -23.62 4.70
C GLN B 95 14.11 -23.12 4.36
N VAL B 96 13.12 -23.65 5.06
CA VAL B 96 11.73 -23.30 4.90
C VAL B 96 11.43 -22.12 5.82
N PHE B 97 10.45 -21.33 5.43
CA PHE B 97 10.15 -20.05 6.09
C PHE B 97 10.12 -20.13 7.62
N PRO B 98 9.25 -20.98 8.20
CA PRO B 98 9.18 -20.97 9.68
C PRO B 98 10.37 -21.53 10.45
N SER B 99 11.36 -22.13 9.77
CA SER B 99 12.57 -22.69 10.42
C SER B 99 13.80 -21.80 10.25
N VAL B 100 13.65 -20.63 9.64
CA VAL B 100 14.78 -19.74 9.44
C VAL B 100 15.36 -19.30 10.78
N GLY B 101 14.48 -18.93 11.67
CA GLY B 101 14.89 -18.38 12.95
C GLY B 101 15.66 -19.36 13.85
N ALA B 102 15.15 -20.58 13.94
CA ALA B 102 15.83 -21.67 14.62
C ALA B 102 17.22 -21.89 13.99
N THR B 103 17.31 -21.88 12.66
CA THR B 103 18.56 -22.19 11.97
C THR B 103 19.60 -21.09 12.27
N ARG B 104 19.20 -19.83 12.19
CA ARG B 104 20.10 -18.71 12.54
C ARG B 104 20.57 -18.74 14.00
N ALA B 105 19.65 -18.98 14.93
CA ALA B 105 20.04 -19.11 16.33
C ALA B 105 21.03 -20.26 16.49
N ASN B 106 20.73 -21.41 15.89
CA ASN B 106 21.60 -22.58 15.99
C ASN B 106 23.01 -22.39 15.43
N LEU B 107 23.20 -21.45 14.49
CA LEU B 107 24.55 -21.10 14.03
C LEU B 107 25.37 -20.54 15.19
N GLY B 108 24.72 -20.08 16.26
CA GLY B 108 25.39 -19.61 17.44
C GLY B 108 26.41 -18.55 17.09
N GLY B 109 26.01 -17.60 16.24
CA GLY B 109 26.92 -16.52 15.83
C GLY B 109 27.85 -16.80 14.65
N LYS B 110 27.89 -18.02 14.12
CA LYS B 110 28.80 -18.30 12.99
C LYS B 110 28.20 -17.81 11.70
N ASP B 111 29.07 -17.36 10.81
CA ASP B 111 28.66 -16.73 9.58
C ASP B 111 28.14 -17.80 8.66
N SER B 112 26.90 -17.63 8.20
CA SER B 112 26.40 -18.30 7.02
C SER B 112 25.19 -17.54 6.47
N TRP B 113 24.75 -17.98 5.30
CA TRP B 113 23.71 -17.34 4.53
C TRP B 113 22.54 -18.30 4.48
N ILE B 114 21.37 -17.88 5.00
CA ILE B 114 20.18 -18.77 5.06
C ILE B 114 19.12 -18.20 4.13
N ASN B 115 18.60 -19.02 3.22
CA ASN B 115 17.47 -18.60 2.39
C ASN B 115 16.16 -19.04 3.02
N SER B 116 15.06 -18.51 2.48
CA SER B 116 13.73 -18.78 3.02
C SER B 116 12.81 -19.17 1.90
N LEU B 117 12.39 -20.42 1.92
CA LEU B 117 11.52 -20.95 0.91
C LEU B 117 10.13 -20.28 1.01
N VAL B 118 9.70 -19.64 -0.08
CA VAL B 118 8.39 -19.09 -0.21
C VAL B 118 7.95 -19.41 -1.63
N SER B 119 6.64 -19.53 -1.83
CA SER B 119 6.11 -20.17 -3.04
C SER B 119 5.16 -19.32 -3.88
N PRO B 120 5.09 -19.60 -5.20
CA PRO B 120 4.10 -18.97 -6.06
C PRO B 120 2.68 -19.23 -5.57
N THR B 121 1.76 -18.33 -5.87
CA THR B 121 0.36 -18.47 -5.44
C THR B 121 -0.69 -18.33 -6.53
N GLY B 122 -0.27 -18.08 -7.76
CA GLY B 122 -1.19 -17.60 -8.78
C GLY B 122 -1.64 -16.15 -8.60
N LYS B 123 -1.08 -15.43 -7.62
CA LYS B 123 -1.53 -14.07 -7.31
C LYS B 123 -0.32 -13.13 -7.33
N VAL B 124 -0.24 -12.31 -8.39
CA VAL B 124 0.91 -11.44 -8.59
C VAL B 124 1.12 -10.51 -7.38
N GLY B 125 2.32 -10.48 -6.82
CA GLY B 125 2.61 -9.63 -5.65
C GLY B 125 2.57 -10.35 -4.30
N TYR B 126 2.12 -11.60 -4.29
CA TYR B 126 1.85 -12.34 -3.04
C TYR B 126 2.59 -13.68 -3.03
N VAL B 127 3.20 -14.02 -1.89
CA VAL B 127 3.89 -15.30 -1.75
C VAL B 127 3.28 -16.14 -0.63
N ASN B 128 3.45 -17.45 -0.76
CA ASN B 128 2.94 -18.40 0.22
C ASN B 128 4.09 -18.72 1.17
N ILE B 129 3.94 -18.31 2.44
CA ILE B 129 4.98 -18.50 3.43
C ILE B 129 4.77 -19.74 4.30
N SER B 130 3.67 -20.41 4.10
CA SER B 130 3.33 -21.61 4.86
C SER B 130 4.08 -22.83 4.32
N THR B 131 5.41 -22.83 4.46
CA THR B 131 6.24 -23.85 3.82
C THR B 131 6.96 -24.84 4.80
N GLY B 132 6.57 -24.83 6.07
CA GLY B 132 7.01 -25.85 7.00
C GLY B 132 6.03 -27.03 6.97
N PRO B 133 6.37 -28.14 7.66
CA PRO B 133 5.54 -29.35 7.64
C PRO B 133 4.10 -29.13 8.14
N ILE B 134 3.90 -28.45 9.26
CA ILE B 134 2.52 -28.24 9.77
C ILE B 134 1.80 -27.20 8.90
N SER B 135 2.47 -26.09 8.60
CA SER B 135 1.86 -25.02 7.85
C SER B 135 1.48 -25.48 6.44
N ALA B 136 2.35 -26.26 5.80
CA ALA B 136 2.09 -26.77 4.46
C ALA B 136 0.97 -27.81 4.42
N ALA B 137 0.69 -28.45 5.54
CA ALA B 137 -0.33 -29.50 5.53
C ALA B 137 -1.69 -28.89 5.75
N GLY B 138 -1.73 -27.60 6.00
CA GLY B 138 -2.93 -26.93 6.38
C GLY B 138 -3.80 -26.65 5.18
N GLU B 139 -5.10 -26.55 5.43
CA GLU B 139 -6.07 -26.34 4.39
C GLU B 139 -5.96 -24.98 3.68
N GLU B 140 -5.63 -23.96 4.45
CA GLU B 140 -5.43 -22.63 3.97
C GLU B 140 -3.97 -22.25 4.25
N LYS B 141 -3.44 -21.40 3.38
CA LYS B 141 -2.06 -20.97 3.45
C LYS B 141 -1.96 -19.49 3.75
N ALA B 142 -0.89 -19.07 4.39
CA ALA B 142 -0.64 -17.66 4.60
C ALA B 142 -0.05 -17.10 3.30
N ILE B 143 -0.88 -16.34 2.59
CA ILE B 143 -0.51 -15.69 1.34
C ILE B 143 -0.36 -14.18 1.60
N VAL B 144 0.86 -13.65 1.49
CA VAL B 144 1.18 -12.30 1.96
C VAL B 144 1.91 -11.46 0.92
N PRO B 145 1.82 -10.11 1.03
CA PRO B 145 2.61 -9.33 0.09
C PRO B 145 4.12 -9.62 0.17
N ILE B 146 4.79 -9.60 -0.99
CA ILE B 146 6.20 -10.01 -1.07
C ILE B 146 7.03 -9.32 0.00
N LYS B 147 6.91 -8.01 0.10
CA LYS B 147 7.71 -7.23 1.04
C LYS B 147 7.47 -7.57 2.51
N THR B 148 6.26 -7.96 2.87
CA THR B 148 5.99 -8.38 4.23
C THR B 148 6.70 -9.71 4.53
N ALA B 149 6.81 -10.58 3.52
CA ALA B 149 7.53 -11.83 3.68
C ALA B 149 9.01 -11.51 3.93
N ILE B 150 9.56 -10.62 3.08
CA ILE B 150 10.95 -10.19 3.21
C ILE B 150 11.26 -9.67 4.62
N ALA B 151 10.41 -8.78 5.14
CA ALA B 151 10.65 -8.21 6.47
C ALA B 151 10.59 -9.29 7.56
N LEU B 152 9.67 -10.24 7.42
CA LEU B 152 9.59 -11.33 8.37
C LEU B 152 10.87 -12.20 8.28
N VAL B 153 11.34 -12.48 7.08
CA VAL B 153 12.55 -13.28 6.96
C VAL B 153 13.71 -12.54 7.62
N ARG B 154 13.79 -11.24 7.40
CA ARG B 154 14.83 -10.48 8.04
C ARG B 154 14.73 -10.52 9.55
N ASP B 155 13.52 -10.45 10.10
CA ASP B 155 13.33 -10.59 11.53
C ASP B 155 13.73 -12.00 12.02
N GLY B 157 16.37 -13.61 10.71
CA GLY B 157 17.79 -13.74 10.38
C GLY B 157 18.09 -14.42 9.04
N GLY B 158 17.14 -14.38 8.11
CA GLY B 158 17.38 -14.91 6.76
C GLY B 158 17.95 -13.89 5.81
N ASN B 159 18.51 -14.35 4.69
CA ASN B 159 19.29 -13.51 3.78
C ASN B 159 18.63 -13.34 2.40
N SER B 160 17.71 -14.25 2.08
CA SER B 160 17.11 -14.25 0.77
C SER B 160 15.79 -14.98 0.74
N LEU B 161 15.08 -14.82 -0.36
CA LEU B 161 13.94 -15.64 -0.67
C LEU B 161 14.37 -16.70 -1.68
N LYS B 162 14.07 -17.96 -1.35
CA LYS B 162 14.18 -19.03 -2.28
C LYS B 162 12.80 -19.20 -2.89
N TYR B 163 12.66 -18.83 -4.17
CA TYR B 163 11.37 -18.81 -4.82
C TYR B 163 11.15 -20.12 -5.55
N PHE B 164 10.24 -20.93 -5.02
CA PHE B 164 10.12 -22.36 -5.40
C PHE B 164 8.70 -22.85 -5.06
N PRO B 165 8.10 -23.67 -5.97
CA PRO B 165 8.62 -24.17 -7.23
C PRO B 165 8.21 -23.27 -8.36
N LYS B 167 8.54 -23.91 -11.61
CA LYS B 167 8.20 -24.64 -12.83
C LYS B 167 8.73 -23.89 -14.05
N GLY B 168 9.99 -23.47 -13.99
CA GLY B 168 10.60 -22.65 -15.05
C GLY B 168 10.01 -21.24 -15.16
N LEU B 169 9.37 -20.96 -16.30
CA LEU B 169 8.78 -19.67 -16.59
C LEU B 169 7.25 -19.71 -16.45
N ALA B 170 6.72 -20.78 -15.88
CA ALA B 170 5.29 -20.92 -15.75
C ALA B 170 4.69 -19.79 -14.90
N HIS B 171 5.46 -19.23 -13.99
CA HIS B 171 4.99 -18.16 -13.13
C HIS B 171 5.74 -16.86 -13.45
N GLU B 172 5.91 -16.54 -14.74
CA GLU B 172 6.85 -15.45 -15.07
C GLU B 172 6.39 -14.09 -14.50
N GLU B 173 5.10 -13.79 -14.68
CA GLU B 173 4.55 -12.52 -14.20
C GLU B 173 4.75 -12.38 -12.68
N GLU B 174 4.42 -13.46 -11.95
CA GLU B 174 4.65 -13.46 -10.50
C GLU B 174 6.14 -13.26 -10.14
N TYR B 175 7.00 -14.00 -10.84
CA TYR B 175 8.45 -13.90 -10.66
C TYR B 175 8.98 -12.46 -10.82
N ARG B 176 8.51 -11.78 -11.86
CA ARG B 176 8.90 -10.40 -12.15
C ARG B 176 8.52 -9.49 -11.01
N ALA B 177 7.34 -9.72 -10.46
CA ALA B 177 6.90 -8.96 -9.32
C ALA B 177 7.80 -9.29 -8.10
N VAL B 178 8.12 -10.55 -7.88
CA VAL B 178 9.08 -10.90 -6.81
C VAL B 178 10.47 -10.24 -7.00
N ALA B 179 11.00 -10.27 -8.22
CA ALA B 179 12.30 -9.66 -8.49
C ALA B 179 12.26 -8.17 -8.19
N LYS B 180 11.15 -7.52 -8.55
CA LYS B 180 11.01 -6.06 -8.36
C LYS B 180 11.00 -5.73 -6.87
N ALA B 181 10.20 -6.45 -6.09
CA ALA B 181 10.12 -6.17 -4.65
C ALA B 181 11.46 -6.43 -3.94
N CYS B 182 12.14 -7.51 -4.31
CA CYS B 182 13.49 -7.77 -3.78
C CYS B 182 14.45 -6.62 -4.08
N ALA B 183 14.45 -6.14 -5.33
CA ALA B 183 15.28 -5.02 -5.71
C ALA B 183 14.96 -3.80 -4.84
N GLU B 184 13.69 -3.49 -4.67
CA GLU B 184 13.29 -2.32 -3.86
C GLU B 184 13.71 -2.47 -2.38
N GLU B 185 13.75 -3.70 -1.89
CA GLU B 185 14.09 -3.93 -0.51
C GLU B 185 15.56 -4.22 -0.27
N GLY B 186 16.37 -4.23 -1.34
CA GLY B 186 17.76 -4.60 -1.23
C GLY B 186 17.93 -5.99 -0.68
N PHE B 187 17.17 -6.95 -1.19
CA PHE B 187 17.18 -8.33 -0.71
C PHE B 187 17.50 -9.29 -1.88
N ALA B 188 18.01 -10.45 -1.54
CA ALA B 188 18.55 -11.42 -2.49
C ALA B 188 17.49 -12.43 -2.85
N LEU B 189 17.66 -13.04 -4.01
CA LEU B 189 16.63 -13.90 -4.58
C LEU B 189 17.27 -15.14 -5.18
N GLU B 190 16.65 -16.29 -4.92
CA GLU B 190 17.15 -17.56 -5.41
C GLU B 190 16.06 -18.29 -6.17
N PRO B 191 15.98 -18.03 -7.50
CA PRO B 191 15.00 -18.74 -8.30
C PRO B 191 15.32 -20.23 -8.35
N THR B 192 14.29 -21.06 -8.18
CA THR B 192 14.44 -22.50 -8.15
C THR B 192 13.21 -23.25 -8.63
N GLY B 193 13.47 -24.33 -9.37
CA GLY B 193 12.42 -25.27 -9.78
C GLY B 193 12.19 -25.21 -11.30
N GLY B 194 12.60 -26.26 -12.00
CA GLY B 194 12.43 -26.35 -13.42
C GLY B 194 13.34 -25.43 -14.21
N ILE B 195 14.47 -25.02 -13.64
CA ILE B 195 15.49 -24.26 -14.38
C ILE B 195 16.41 -25.21 -15.14
N ASP B 196 16.53 -24.96 -16.44
CA ASP B 196 17.36 -25.77 -17.32
C ASP B 196 18.21 -24.85 -18.20
N LYS B 197 19.01 -25.40 -19.09
CA LYS B 197 19.93 -24.59 -19.88
C LYS B 197 19.21 -23.69 -20.89
N GLU B 198 17.95 -23.98 -21.20
CA GLU B 198 17.19 -23.19 -22.17
C GLU B 198 16.52 -21.98 -21.52
N ASN B 199 16.07 -22.09 -20.26
CA ASN B 199 15.41 -20.95 -19.60
C ASN B 199 16.26 -20.17 -18.58
N PHE B 200 17.47 -20.68 -18.30
CA PHE B 200 18.37 -20.09 -17.32
C PHE B 200 18.67 -18.59 -17.58
N GLU B 201 19.07 -18.29 -18.81
CA GLU B 201 19.44 -16.93 -19.19
C GLU B 201 18.26 -16.00 -18.95
N THR B 202 17.07 -16.39 -19.42
CA THR B 202 15.89 -15.57 -19.25
C THR B 202 15.60 -15.32 -17.79
N ILE B 203 15.71 -16.38 -16.98
CA ILE B 203 15.37 -16.27 -15.55
C ILE B 203 16.30 -15.34 -14.77
N VAL B 204 17.60 -15.44 -15.06
CA VAL B 204 18.61 -14.64 -14.38
C VAL B 204 18.51 -13.21 -14.88
N ARG B 205 18.32 -13.08 -16.22
CA ARG B 205 18.13 -11.78 -16.81
C ARG B 205 17.02 -11.02 -16.12
N ILE B 206 15.86 -11.63 -15.92
CA ILE B 206 14.77 -10.92 -15.27
C ILE B 206 15.20 -10.31 -13.92
N ALA B 207 15.92 -11.09 -13.12
CA ALA B 207 16.31 -10.62 -11.81
C ALA B 207 17.34 -9.51 -11.93
N LEU B 208 18.31 -9.65 -12.85
CA LEU B 208 19.31 -8.59 -13.01
C LEU B 208 18.68 -7.28 -13.52
N GLU B 209 17.75 -7.38 -14.48
CA GLU B 209 17.05 -6.21 -15.02
C GLU B 209 16.24 -5.46 -13.95
N ALA B 210 15.67 -6.19 -13.00
CA ALA B 210 14.99 -5.60 -11.86
C ALA B 210 15.96 -4.95 -10.89
N ASN B 211 17.27 -5.20 -11.06
CA ASN B 211 18.32 -4.73 -10.13
C ASN B 211 18.32 -5.42 -8.75
N VAL B 212 17.96 -6.68 -8.72
CA VAL B 212 18.32 -7.53 -7.62
C VAL B 212 19.84 -7.64 -7.62
N GLU B 213 20.45 -7.30 -6.48
CA GLU B 213 21.89 -7.25 -6.40
C GLU B 213 22.51 -8.62 -6.43
N ARG B 214 22.04 -9.49 -5.53
CA ARG B 214 22.57 -10.84 -5.44
C ARG B 214 21.49 -11.85 -5.83
N VAL B 215 21.82 -12.70 -6.80
CA VAL B 215 20.93 -13.71 -7.36
C VAL B 215 21.65 -15.06 -7.29
N ILE B 216 20.94 -16.10 -6.81
CA ILE B 216 21.46 -17.45 -6.78
C ILE B 216 20.51 -18.39 -7.51
N PRO B 217 20.66 -18.54 -8.83
CA PRO B 217 19.82 -19.56 -9.48
C PRO B 217 20.22 -20.97 -9.08
N HIS B 218 19.24 -21.83 -8.78
CA HIS B 218 19.45 -23.22 -8.49
C HIS B 218 19.14 -24.07 -9.71
N VAL B 219 20.12 -24.87 -10.13
CA VAL B 219 19.92 -25.76 -11.26
C VAL B 219 20.25 -27.17 -10.83
N TYR B 220 19.23 -28.04 -10.75
CA TYR B 220 19.37 -29.38 -10.23
C TYR B 220 19.27 -30.48 -11.35
N SER B 221 18.16 -31.18 -11.46
CA SER B 221 18.16 -32.42 -12.27
C SER B 221 18.42 -32.20 -13.77
N SER B 222 18.12 -31.01 -14.27
CA SER B 222 18.27 -30.71 -15.71
C SER B 222 19.73 -30.79 -16.13
N ILE B 223 20.65 -30.81 -15.18
CA ILE B 223 22.08 -30.90 -15.51
C ILE B 223 22.78 -32.12 -14.93
N ILE B 224 21.98 -33.12 -14.57
CA ILE B 224 22.49 -34.29 -13.90
C ILE B 224 22.46 -35.46 -14.87
N ASP B 225 23.60 -36.13 -15.03
CA ASP B 225 23.66 -37.36 -15.83
C ASP B 225 22.98 -38.49 -15.07
N LYS B 226 21.83 -38.95 -15.55
CA LYS B 226 21.03 -39.96 -14.82
C LYS B 226 21.78 -41.28 -14.65
N GLU B 227 22.68 -41.50 -15.59
CA GLU B 227 23.53 -42.66 -15.63
C GLU B 227 24.36 -42.77 -14.34
N THR B 228 25.11 -41.72 -14.03
CA THR B 228 26.05 -41.68 -12.91
C THR B 228 25.51 -40.93 -11.70
N GLY B 229 24.50 -40.09 -11.91
CA GLY B 229 24.04 -39.21 -10.86
C GLY B 229 24.89 -37.95 -10.71
N ASN B 230 25.94 -37.84 -11.51
CA ASN B 230 26.85 -36.72 -11.44
C ASN B 230 26.28 -35.47 -12.11
N THR B 231 26.49 -34.32 -11.49
CA THR B 231 26.25 -33.07 -12.14
C THR B 231 27.27 -32.88 -13.26
N LYS B 232 26.82 -32.40 -14.41
CA LYS B 232 27.67 -32.41 -15.59
C LYS B 232 28.57 -31.20 -15.68
N VAL B 233 29.87 -31.47 -15.74
CA VAL B 233 30.87 -30.43 -15.77
C VAL B 233 30.72 -29.50 -16.98
N GLU B 234 30.48 -30.08 -18.14
CA GLU B 234 30.33 -29.26 -19.34
C GLU B 234 29.08 -28.38 -19.21
N ASP B 235 28.04 -28.87 -18.55
CA ASP B 235 26.87 -28.02 -18.31
C ASP B 235 27.19 -26.83 -17.41
N VAL B 236 27.99 -27.05 -16.38
CA VAL B 236 28.37 -26.00 -15.45
C VAL B 236 29.21 -24.94 -16.15
N ARG B 237 30.13 -25.36 -17.02
CA ARG B 237 30.90 -24.39 -17.81
C ARG B 237 29.97 -23.55 -18.67
N GLU B 238 28.96 -24.19 -19.24
CA GLU B 238 28.01 -23.49 -20.10
C GLU B 238 27.17 -22.52 -19.27
N LEU B 239 26.72 -22.92 -18.10
CA LEU B 239 25.98 -21.98 -17.25
C LEU B 239 26.82 -20.78 -16.88
N LEU B 240 28.10 -21.00 -16.55
CA LEU B 240 28.98 -19.91 -16.15
C LEU B 240 29.15 -18.94 -17.29
N ALA B 241 29.35 -19.44 -18.50
CA ALA B 241 29.52 -18.57 -19.64
C ALA B 241 28.27 -17.67 -19.79
N VAL B 242 27.07 -18.23 -19.54
CA VAL B 242 25.87 -17.39 -19.64
C VAL B 242 25.87 -16.33 -18.54
N VAL B 243 26.32 -16.70 -17.35
CA VAL B 243 26.37 -15.76 -16.23
C VAL B 243 27.23 -14.56 -16.56
N LYS B 244 28.41 -14.84 -17.13
CA LYS B 244 29.34 -13.79 -17.48
C LYS B 244 28.81 -12.91 -18.58
N LYS B 245 28.18 -13.52 -19.58
CA LYS B 245 27.67 -12.77 -20.72
C LYS B 245 26.60 -11.79 -20.20
N LEU B 246 25.71 -12.25 -19.32
CA LEU B 246 24.67 -11.37 -18.78
C LEU B 246 25.27 -10.31 -17.87
N VAL B 247 26.04 -10.75 -16.87
CA VAL B 247 26.49 -9.87 -15.83
C VAL B 247 27.39 -8.76 -16.38
N ASP B 248 28.27 -9.08 -17.33
CA ASP B 248 29.18 -8.07 -17.90
C ASP B 248 28.47 -6.90 -18.55
N GLN B 249 27.21 -7.07 -18.90
CA GLN B 249 26.43 -5.95 -19.42
C GLN B 249 25.95 -5.00 -18.30
N TYR B 250 26.12 -5.39 -17.03
CA TYR B 250 25.65 -4.61 -15.86
C TYR B 250 26.80 -4.19 -14.96
#